data_5SM7
#
_entry.id   5SM7
#
_cell.length_a   67.595
_cell.length_b   67.858
_cell.length_c   138.609
_cell.angle_alpha   90.000
_cell.angle_beta   90.000
_cell.angle_gamma   90.000
#
_symmetry.space_group_name_H-M   'P 21 21 21'
#
loop_
_entity.id
_entity.type
_entity.pdbx_description
1 polymer 'Proofreading exoribonuclease nsp14'
2 non-polymer 'ZINC ION'
3 non-polymer 'PHOSPHATE ION'
4 non-polymer 1-(methanesulfonyl)piperidin-4-ol
5 water water
#
_entity_poly.entity_id   1
_entity_poly.type   'polypeptide(L)'
_entity_poly.pdbx_seq_one_letter_code
;SMLFKDCSKVITGLHPTQAPTHLSVDTKFKTEGLCVDIPGIPKDMTYRRLISMMGFKMNYQVNGYPNMFITREEAIRHVR
AWIGFDVEGCHATREAVGTNLPLQLGFSTGVNLVAVPTGYVDTPNNTDFSRVSAKPPPGDQFKHLIPLMYKGLPWNVVRI
KIVQMLSDTLKNLSDRVVFVLWAHGFELTSMKYFVKIGPERTCCLCDRRATCFSTASDTYACWHHSIGFDYVYNPFMIDV
QQWGFTGNLQSNHDLYCQVHGNAHVASCDAIMTRCLAVHECFVKRVDWTIEYPIIGDELKINAACRKVQHMVVKAALLAD
KFPVLHDIGNPKAIKCVPQADVEWKFYDAQPCSDKAYKIEELFYSYATHSDKFTDGVCLFWNCNVDRYPANSIVCRFDTR
VLSNLNLPGCDGGSLYVNKHAFHTPAFDKSAFVNLKQLPFFYYSDSPCESHGKQVVSDIDYVPLKSATCITRCNLGGAVC
RHHANEYRLYLDAYNMMISAGFSLWVYKQFDTYNLWNTFTRLQ
;
_entity_poly.pdbx_strand_id   D
#
loop_
_chem_comp.id
_chem_comp.type
_chem_comp.name
_chem_comp.formula
LPU non-polymer 1-(methanesulfonyl)piperidin-4-ol 'C6 H13 N O3 S'
PO4 non-polymer 'PHOSPHATE ION' 'O4 P -3'
ZN non-polymer 'ZINC ION' 'Zn 2'
#
# COMPACT_ATOMS: atom_id res chain seq x y z
N PRO A 20 17.71 -22.16 -4.33
CA PRO A 20 17.71 -20.76 -3.92
C PRO A 20 16.31 -20.20 -3.69
N THR A 21 15.76 -20.39 -2.47
CA THR A 21 14.42 -19.88 -2.16
C THR A 21 14.40 -19.18 -0.79
N HIS A 22 14.94 -19.83 0.25
CA HIS A 22 15.00 -19.21 1.58
C HIS A 22 16.44 -18.67 1.87
N LEU A 23 16.62 -17.94 2.97
CA LEU A 23 17.93 -17.40 3.33
C LEU A 23 18.62 -18.48 4.13
N SER A 24 19.79 -18.98 3.65
CA SER A 24 20.53 -20.03 4.35
C SER A 24 20.95 -19.57 5.74
N VAL A 25 20.74 -20.40 6.76
CA VAL A 25 21.22 -20.04 8.10
C VAL A 25 22.76 -19.94 8.15
N ASP A 26 23.49 -20.53 7.16
CA ASP A 26 24.93 -20.45 7.11
C ASP A 26 25.45 -19.17 6.41
N THR A 27 24.55 -18.26 5.96
CA THR A 27 24.92 -16.99 5.36
C THR A 27 25.57 -16.11 6.45
N LYS A 28 26.55 -15.31 6.06
CA LYS A 28 27.25 -14.46 7.00
C LYS A 28 26.40 -13.24 7.34
N PHE A 29 26.47 -12.83 8.58
CA PHE A 29 25.75 -11.69 9.10
C PHE A 29 26.78 -10.68 9.59
N LYS A 30 26.80 -9.45 9.03
CA LYS A 30 27.72 -8.40 9.46
C LYS A 30 27.28 -7.90 10.84
N THR A 31 28.15 -7.98 11.81
CA THR A 31 27.87 -7.69 13.22
C THR A 31 28.33 -6.33 13.72
N GLU A 32 28.89 -5.50 12.85
CA GLU A 32 29.37 -4.17 13.26
C GLU A 32 28.28 -3.27 13.91
N GLY A 33 27.07 -3.32 13.38
CA GLY A 33 25.93 -2.57 13.92
C GLY A 33 25.51 -3.00 15.32
N LEU A 34 25.86 -4.24 15.70
CA LEU A 34 25.54 -4.87 16.98
C LEU A 34 26.56 -4.64 18.09
N CYS A 35 27.78 -4.21 17.77
CA CYS A 35 28.85 -4.18 18.76
C CYS A 35 28.77 -3.08 19.82
N VAL A 36 27.90 -2.06 19.69
CA VAL A 36 27.79 -1.06 20.79
C VAL A 36 26.86 -1.66 21.89
N ASP A 37 25.77 -2.33 21.50
CA ASP A 37 24.91 -3.00 22.49
C ASP A 37 25.51 -4.33 22.96
N ILE A 38 26.21 -5.02 22.05
CA ILE A 38 26.88 -6.31 22.32
C ILE A 38 28.39 -6.21 22.11
N PRO A 39 29.13 -5.55 23.04
CA PRO A 39 30.59 -5.47 22.86
C PRO A 39 31.28 -6.84 22.91
N GLY A 40 32.26 -7.00 22.03
CA GLY A 40 33.05 -8.22 21.91
C GLY A 40 32.44 -9.20 20.92
N ILE A 41 31.32 -8.83 20.24
CA ILE A 41 30.67 -9.73 19.29
C ILE A 41 31.65 -10.15 18.17
N PRO A 42 31.69 -11.45 17.84
CA PRO A 42 32.60 -11.90 16.78
C PRO A 42 32.25 -11.27 15.45
N LYS A 43 33.25 -10.87 14.71
CA LYS A 43 33.08 -10.32 13.38
C LYS A 43 32.55 -11.43 12.44
N ASP A 44 33.03 -12.65 12.62
CA ASP A 44 32.63 -13.81 11.87
C ASP A 44 31.38 -14.34 12.55
N MET A 45 30.25 -14.32 11.83
CA MET A 45 28.99 -14.69 12.41
C MET A 45 28.01 -15.15 11.32
N THR A 46 27.27 -16.22 11.56
CA THR A 46 26.25 -16.70 10.63
C THR A 46 24.86 -16.46 11.25
N TYR A 47 23.78 -16.60 10.46
CA TYR A 47 22.43 -16.52 11.00
C TYR A 47 22.22 -17.63 12.05
N ARG A 48 22.79 -18.83 11.80
CA ARG A 48 22.74 -19.98 12.71
C ARG A 48 23.26 -19.60 14.09
N ARG A 49 24.44 -18.97 14.18
CA ARG A 49 25.01 -18.58 15.46
C ARG A 49 24.28 -17.39 16.10
N LEU A 50 23.82 -16.44 15.27
CA LEU A 50 23.05 -15.29 15.74
C LEU A 50 21.72 -15.73 16.35
N ILE A 51 21.02 -16.67 15.69
CA ILE A 51 19.74 -17.19 16.19
C ILE A 51 19.93 -17.88 17.54
N SER A 52 20.98 -18.70 17.64
CA SER A 52 21.35 -19.39 18.87
C SER A 52 21.65 -18.38 20.00
N MET A 53 22.39 -17.32 19.68
CA MET A 53 22.74 -16.25 20.60
C MET A 53 21.47 -15.48 21.06
N MET A 54 20.46 -15.41 20.19
CA MET A 54 19.18 -14.78 20.53
C MET A 54 18.30 -15.64 21.47
N GLY A 55 18.77 -16.84 21.85
CA GLY A 55 18.04 -17.73 22.73
C GLY A 55 17.14 -18.71 22.03
N PHE A 56 17.22 -18.85 20.71
CA PHE A 56 16.35 -19.76 19.96
C PHE A 56 17.07 -21.01 19.49
N LYS A 57 16.48 -22.19 19.72
CA LYS A 57 17.07 -23.46 19.28
C LYS A 57 16.28 -23.98 18.09
N MET A 58 16.91 -24.05 16.90
CA MET A 58 16.19 -24.52 15.71
C MET A 58 16.10 -26.08 15.61
N ASN A 59 16.83 -26.82 16.50
CA ASN A 59 16.81 -28.29 16.63
C ASN A 59 16.89 -29.15 15.34
N TYR A 60 17.50 -28.65 14.24
CA TYR A 60 17.58 -29.34 12.93
C TYR A 60 16.18 -29.74 12.47
N GLN A 61 15.31 -28.74 12.25
CA GLN A 61 13.93 -29.00 11.91
C GLN A 61 13.57 -28.68 10.44
N VAL A 62 13.01 -29.68 9.74
CA VAL A 62 12.54 -29.53 8.36
C VAL A 62 11.02 -29.40 8.36
N ASN A 63 10.50 -28.31 8.97
CA ASN A 63 9.06 -28.12 9.05
C ASN A 63 8.57 -26.72 8.64
N GLY A 64 8.97 -26.27 7.45
CA GLY A 64 8.55 -24.99 6.88
C GLY A 64 9.12 -23.69 7.42
N TYR A 65 9.86 -23.73 8.54
CA TYR A 65 10.45 -22.51 9.11
C TYR A 65 11.97 -22.67 9.15
N PRO A 66 12.68 -22.52 8.01
CA PRO A 66 14.14 -22.79 8.02
C PRO A 66 15.01 -21.72 8.66
N ASN A 67 14.55 -20.48 8.69
CA ASN A 67 15.33 -19.38 9.24
C ASN A 67 14.36 -18.25 9.69
N MET A 68 14.61 -17.65 10.88
CA MET A 68 13.82 -16.53 11.35
C MET A 68 13.98 -15.32 10.41
N PHE A 69 15.18 -15.17 9.81
CA PHE A 69 15.55 -14.10 8.89
C PHE A 69 15.26 -14.52 7.47
N ILE A 70 14.87 -13.55 6.64
CA ILE A 70 14.48 -13.83 5.24
C ILE A 70 15.26 -12.94 4.27
N THR A 71 15.26 -13.31 2.98
CA THR A 71 15.93 -12.52 1.96
C THR A 71 15.12 -11.24 1.66
N ARG A 72 15.75 -10.29 0.96
CA ARG A 72 15.17 -9.06 0.48
C ARG A 72 14.04 -9.38 -0.50
N GLU A 73 14.21 -10.39 -1.38
CA GLU A 73 13.20 -10.81 -2.35
C GLU A 73 11.98 -11.38 -1.62
N GLU A 74 12.19 -12.19 -0.56
CA GLU A 74 11.08 -12.72 0.22
C GLU A 74 10.38 -11.59 0.99
N ALA A 75 11.14 -10.60 1.49
CA ALA A 75 10.53 -9.47 2.20
C ALA A 75 9.65 -8.65 1.25
N ILE A 76 10.11 -8.41 0.01
CA ILE A 76 9.34 -7.67 -0.99
C ILE A 76 8.02 -8.39 -1.29
N ARG A 77 8.05 -9.73 -1.41
CA ARG A 77 6.82 -10.50 -1.65
C ARG A 77 5.84 -10.40 -0.45
N HIS A 78 6.34 -10.08 0.74
CA HIS A 78 5.52 -10.00 1.94
C HIS A 78 5.53 -8.60 2.55
N VAL A 79 5.58 -7.55 1.70
CA VAL A 79 5.60 -6.17 2.18
C VAL A 79 4.38 -5.83 3.08
N ARG A 80 3.20 -6.46 2.84
CA ARG A 80 2.02 -6.20 3.70
C ARG A 80 2.24 -6.59 5.18
N ALA A 81 3.19 -7.54 5.42
CA ALA A 81 3.55 -8.00 6.76
C ALA A 81 4.58 -7.09 7.45
N TRP A 82 5.14 -6.07 6.77
CA TRP A 82 6.22 -5.28 7.35
C TRP A 82 5.81 -4.43 8.54
N ILE A 83 6.53 -4.62 9.63
CA ILE A 83 6.34 -3.85 10.85
C ILE A 83 7.74 -3.47 11.31
N GLY A 84 8.05 -2.19 11.24
CA GLY A 84 9.30 -1.63 11.74
C GLY A 84 9.39 -1.88 13.24
N PHE A 85 10.56 -2.34 13.70
CA PHE A 85 10.71 -2.67 15.11
C PHE A 85 12.05 -2.20 15.62
N ASP A 86 12.02 -1.44 16.71
CA ASP A 86 13.22 -0.92 17.30
C ASP A 86 13.12 -0.98 18.82
N VAL A 87 14.24 -1.24 19.50
CA VAL A 87 14.29 -1.28 20.95
C VAL A 87 15.38 -0.32 21.41
N GLU A 88 15.07 0.56 22.36
CA GLU A 88 16.07 1.48 22.90
C GLU A 88 16.19 1.29 24.41
N GLY A 89 17.41 1.34 24.90
CA GLY A 89 17.66 1.23 26.33
C GLY A 89 17.20 2.49 27.02
N CYS A 90 16.16 2.38 27.87
CA CYS A 90 15.67 3.54 28.62
C CYS A 90 16.74 3.90 29.66
N HIS A 91 17.26 2.89 30.37
CA HIS A 91 18.31 3.11 31.35
C HIS A 91 19.58 2.30 31.00
N GLY A 98 18.10 -4.90 29.17
CA GLY A 98 19.42 -5.41 29.48
C GLY A 98 19.48 -6.12 30.81
N THR A 99 18.35 -6.79 31.19
CA THR A 99 18.11 -7.55 32.45
C THR A 99 18.06 -6.64 33.68
N ASN A 100 18.77 -5.50 33.65
CA ASN A 100 18.81 -4.55 34.75
C ASN A 100 18.04 -3.27 34.43
N LEU A 101 18.02 -2.87 33.15
CA LEU A 101 17.38 -1.65 32.68
C LEU A 101 16.07 -1.86 31.89
N PRO A 102 15.15 -0.90 31.98
CA PRO A 102 13.91 -1.00 31.19
C PRO A 102 14.15 -0.71 29.71
N LEU A 103 13.41 -1.38 28.84
CA LEU A 103 13.55 -1.22 27.40
C LEU A 103 12.32 -0.53 26.83
N GLN A 104 12.52 0.35 25.84
CA GLN A 104 11.44 0.98 25.13
C GLN A 104 11.29 0.25 23.80
N LEU A 105 10.16 -0.38 23.57
CA LEU A 105 9.88 -1.14 22.35
C LEU A 105 9.07 -0.22 21.46
N GLY A 106 9.51 -0.02 20.24
CA GLY A 106 8.83 0.87 19.30
C GLY A 106 8.46 0.12 18.05
N PHE A 107 7.26 0.37 17.56
CA PHE A 107 6.73 -0.28 16.36
C PHE A 107 6.33 0.78 15.33
N SER A 108 6.39 0.43 14.03
CA SER A 108 6.03 1.41 13.00
C SER A 108 4.51 1.75 13.00
N THR A 109 3.69 1.10 13.83
CA THR A 109 2.29 1.49 14.04
C THR A 109 2.23 2.80 14.92
N GLY A 110 3.37 3.28 15.43
CA GLY A 110 3.47 4.44 16.29
C GLY A 110 3.47 4.11 17.77
N VAL A 111 3.33 2.83 18.11
CA VAL A 111 3.29 2.39 19.51
C VAL A 111 4.67 2.27 20.17
N ASN A 112 4.76 2.78 21.41
CA ASN A 112 5.93 2.64 22.26
C ASN A 112 5.48 1.95 23.54
N LEU A 113 6.08 0.80 23.88
CA LEU A 113 5.82 0.07 25.10
C LEU A 113 7.07 0.06 25.96
N VAL A 114 6.95 0.18 27.27
CA VAL A 114 8.13 0.10 28.16
C VAL A 114 8.08 -1.22 28.93
N ALA A 115 9.08 -2.08 28.72
CA ALA A 115 9.20 -3.37 29.39
C ALA A 115 10.23 -3.30 30.51
N VAL A 116 9.81 -3.61 31.73
CA VAL A 116 10.71 -3.65 32.89
C VAL A 116 11.02 -5.12 33.20
N PRO A 117 12.27 -5.42 33.60
CA PRO A 117 12.63 -6.83 33.85
C PRO A 117 12.24 -7.37 35.22
N THR A 118 11.79 -6.49 36.15
CA THR A 118 11.36 -6.73 37.54
C THR A 118 11.19 -8.21 37.94
N PRO A 147 3.13 7.78 17.97
CA PRO A 147 3.84 8.37 19.11
C PRO A 147 3.13 8.09 20.44
N LEU A 148 2.48 6.92 20.56
CA LEU A 148 1.75 6.57 21.78
C LEU A 148 2.66 5.87 22.81
N MET A 149 3.10 6.63 23.83
CA MET A 149 4.01 6.20 24.89
C MET A 149 3.33 5.66 26.16
N TYR A 150 3.53 4.35 26.47
CA TYR A 150 2.94 3.71 27.66
C TYR A 150 3.99 3.53 28.78
N LYS A 151 3.56 3.61 30.06
CA LYS A 151 4.47 3.47 31.21
C LYS A 151 4.93 2.03 31.48
N GLY A 152 6.14 1.89 32.03
CA GLY A 152 6.83 0.63 32.31
C GLY A 152 6.03 -0.50 32.96
N LEU A 153 6.03 -1.67 32.31
CA LEU A 153 5.28 -2.85 32.76
C LEU A 153 6.09 -4.14 32.52
N PRO A 154 5.83 -5.22 33.29
CA PRO A 154 6.58 -6.47 33.06
C PRO A 154 6.25 -7.13 31.72
N TRP A 155 7.19 -7.93 31.21
CA TRP A 155 7.10 -8.64 29.95
C TRP A 155 5.87 -9.54 29.79
N ASN A 156 5.38 -10.15 30.89
CA ASN A 156 4.18 -10.98 30.83
C ASN A 156 2.96 -10.20 30.38
N VAL A 157 2.88 -8.89 30.69
CA VAL A 157 1.76 -8.07 30.19
C VAL A 157 2.13 -7.40 28.86
N VAL A 158 3.40 -6.99 28.68
CA VAL A 158 3.87 -6.37 27.43
C VAL A 158 3.61 -7.30 26.22
N ARG A 159 3.93 -8.60 26.38
CA ARG A 159 3.75 -9.58 25.31
C ARG A 159 2.27 -9.74 24.87
N ILE A 160 1.29 -9.57 25.81
CA ILE A 160 -0.15 -9.60 25.52
C ILE A 160 -0.49 -8.40 24.61
N LYS A 161 0.06 -7.21 24.93
CA LYS A 161 -0.14 -6.01 24.13
C LYS A 161 0.45 -6.15 22.71
N ILE A 162 1.64 -6.75 22.59
CA ILE A 162 2.32 -6.96 21.30
C ILE A 162 1.45 -7.83 20.40
N VAL A 163 0.96 -8.97 20.92
CA VAL A 163 0.09 -9.87 20.14
C VAL A 163 -1.22 -9.16 19.71
N GLN A 164 -1.89 -8.40 20.61
CA GLN A 164 -3.10 -7.67 20.22
C GLN A 164 -2.81 -6.63 19.12
N MET A 165 -1.71 -5.86 19.29
CA MET A 165 -1.36 -4.80 18.34
C MET A 165 -1.05 -5.32 16.94
N LEU A 166 -0.24 -6.40 16.86
CA LEU A 166 0.15 -7.05 15.59
C LEU A 166 -1.05 -7.69 14.90
N SER A 167 -1.91 -8.38 15.68
CA SER A 167 -3.10 -9.04 15.16
C SER A 167 -4.08 -8.01 14.56
N ASP A 168 -4.32 -6.89 15.24
CA ASP A 168 -5.24 -5.87 14.73
C ASP A 168 -4.72 -5.15 13.52
N THR A 169 -3.41 -4.96 13.45
CA THR A 169 -2.76 -4.30 12.34
C THR A 169 -2.69 -5.23 11.13
N LEU A 170 -2.43 -6.51 11.35
CA LEU A 170 -2.15 -7.43 10.27
C LEU A 170 -3.22 -8.40 9.83
N LYS A 171 -4.29 -8.64 10.61
CA LYS A 171 -5.28 -9.66 10.24
C LYS A 171 -5.88 -9.50 8.83
N ASN A 172 -6.07 -8.26 8.37
CA ASN A 172 -6.61 -8.01 7.04
C ASN A 172 -5.52 -7.74 5.99
N LEU A 173 -4.23 -7.80 6.36
CA LEU A 173 -3.15 -7.52 5.43
C LEU A 173 -2.41 -8.74 4.99
N SER A 174 -2.01 -9.59 5.94
CA SER A 174 -1.10 -10.68 5.65
C SER A 174 -1.24 -11.91 6.58
N ASP A 175 -0.71 -13.07 6.13
CA ASP A 175 -0.69 -14.30 6.92
C ASP A 175 0.50 -14.36 7.90
N ARG A 176 1.37 -13.33 7.96
CA ARG A 176 2.55 -13.35 8.80
C ARG A 176 2.95 -11.92 9.25
N VAL A 177 4.08 -11.80 9.97
CA VAL A 177 4.71 -10.54 10.34
C VAL A 177 6.17 -10.61 9.91
N VAL A 178 6.71 -9.50 9.38
CA VAL A 178 8.12 -9.38 9.03
C VAL A 178 8.63 -8.19 9.84
N PHE A 179 9.42 -8.42 10.88
CA PHE A 179 9.99 -7.32 11.67
C PHE A 179 11.13 -6.70 10.89
N VAL A 180 10.98 -5.43 10.55
CA VAL A 180 11.96 -4.71 9.78
C VAL A 180 12.85 -3.97 10.77
N LEU A 181 14.13 -4.33 10.76
CA LEU A 181 15.09 -3.83 11.73
C LEU A 181 16.23 -3.01 11.13
N TRP A 182 16.81 -2.15 11.94
CA TRP A 182 18.07 -1.48 11.71
C TRP A 182 18.83 -1.95 12.99
N ALA A 183 19.23 -3.24 12.96
CA ALA A 183 19.71 -3.96 14.12
C ALA A 183 20.97 -3.40 14.83
N HIS A 184 20.80 -3.09 16.12
CA HIS A 184 21.90 -2.66 16.97
C HIS A 184 22.15 -3.61 18.16
N GLY A 185 21.26 -4.56 18.43
CA GLY A 185 21.48 -5.54 19.50
C GLY A 185 20.31 -5.80 20.43
N PHE A 186 19.81 -4.75 21.14
CA PHE A 186 18.69 -4.88 22.07
C PHE A 186 17.39 -5.41 21.46
N GLU A 187 17.13 -5.13 20.16
CA GLU A 187 15.91 -5.63 19.56
C GLU A 187 15.99 -7.13 19.34
N LEU A 188 17.15 -7.65 18.98
CA LEU A 188 17.36 -9.08 18.75
C LEU A 188 17.36 -9.86 20.06
N THR A 189 17.96 -9.31 21.10
CA THR A 189 18.02 -9.98 22.38
C THR A 189 16.69 -9.87 23.17
N SER A 190 15.82 -8.90 22.83
CA SER A 190 14.52 -8.79 23.51
C SER A 190 13.49 -9.78 22.91
N MET A 191 13.72 -10.31 21.70
CA MET A 191 12.79 -11.20 21.06
C MET A 191 12.42 -12.46 21.84
N LYS A 192 13.34 -13.03 22.62
CA LYS A 192 13.02 -14.23 23.42
C LYS A 192 11.90 -13.96 24.46
N TYR A 193 11.64 -12.70 24.79
CA TYR A 193 10.63 -12.35 25.77
C TYR A 193 9.20 -12.30 25.22
N PHE A 194 9.02 -12.37 23.90
CA PHE A 194 7.69 -12.32 23.31
C PHE A 194 7.51 -13.20 22.08
N VAL A 195 8.56 -13.92 21.65
CA VAL A 195 8.50 -14.76 20.45
C VAL A 195 8.75 -16.22 20.78
N LYS A 196 7.92 -17.14 20.22
CA LYS A 196 8.12 -18.58 20.30
C LYS A 196 8.27 -19.08 18.86
N ILE A 197 9.11 -20.08 18.65
CA ILE A 197 9.32 -20.67 17.33
C ILE A 197 9.13 -22.20 17.37
N GLY A 198 8.88 -22.78 16.21
CA GLY A 198 8.73 -24.22 16.08
C GLY A 198 8.33 -24.60 14.68
N PRO A 199 7.76 -25.79 14.52
CA PRO A 199 7.26 -26.18 13.19
C PRO A 199 6.12 -25.27 12.72
N GLU A 200 5.90 -25.18 11.38
CA GLU A 200 4.79 -24.40 10.86
C GLU A 200 3.49 -25.07 11.29
N ARG A 201 2.53 -24.27 11.74
CA ARG A 201 1.28 -24.78 12.28
C ARG A 201 0.06 -24.10 11.70
N THR A 202 -1.13 -24.65 11.99
CA THR A 202 -2.37 -24.02 11.57
C THR A 202 -3.16 -23.53 12.80
N CYS A 203 -4.07 -22.60 12.57
CA CYS A 203 -4.93 -22.05 13.61
C CYS A 203 -5.79 -23.13 14.28
N CYS A 204 -6.11 -22.94 15.56
CA CYS A 204 -6.99 -23.85 16.28
C CYS A 204 -8.46 -23.67 15.84
N LEU A 205 -8.82 -22.51 15.27
CA LEU A 205 -10.18 -22.20 14.85
C LEU A 205 -10.37 -22.12 13.33
N CYS A 206 -9.30 -22.11 12.53
CA CYS A 206 -9.43 -22.04 11.07
C CYS A 206 -8.21 -22.66 10.32
N ASP A 207 -8.22 -22.64 8.98
CA ASP A 207 -7.16 -23.25 8.17
C ASP A 207 -5.94 -22.37 7.93
N ARG A 208 -5.97 -21.10 8.36
CA ARG A 208 -4.83 -20.20 8.16
C ARG A 208 -3.59 -20.63 8.96
N ARG A 209 -2.38 -20.23 8.50
CA ARG A 209 -1.17 -20.55 9.26
C ARG A 209 -1.21 -19.81 10.61
N ALA A 210 -0.60 -20.42 11.63
CA ALA A 210 -0.54 -19.90 12.99
C ALA A 210 0.52 -18.80 13.08
N THR A 211 0.14 -17.70 13.70
CA THR A 211 1.03 -16.56 13.92
C THR A 211 1.19 -16.21 15.41
N CYS A 212 0.41 -16.83 16.30
CA CYS A 212 0.40 -16.56 17.74
C CYS A 212 0.31 -17.90 18.52
N PHE A 213 0.73 -17.87 19.79
CA PHE A 213 0.69 -19.02 20.66
C PHE A 213 0.17 -18.57 22.03
N SER A 214 -0.59 -19.44 22.70
CA SER A 214 -1.07 -19.14 24.03
C SER A 214 -0.51 -20.11 25.06
N THR A 215 0.20 -19.62 26.09
CA THR A 215 0.69 -20.48 27.17
C THR A 215 -0.46 -20.91 28.10
N ALA A 216 -1.53 -20.09 28.21
CA ALA A 216 -2.69 -20.40 29.05
C ALA A 216 -3.41 -21.64 28.55
N SER A 217 -3.62 -21.74 27.23
CA SER A 217 -4.33 -22.89 26.67
C SER A 217 -3.46 -23.91 25.90
N ASP A 218 -2.15 -23.64 25.67
CA ASP A 218 -1.27 -24.53 24.89
C ASP A 218 -1.78 -24.68 23.44
N THR A 219 -2.32 -23.60 22.85
CA THR A 219 -2.89 -23.62 21.51
C THR A 219 -2.28 -22.52 20.59
N TYR A 220 -2.58 -22.60 19.28
CA TYR A 220 -2.07 -21.68 18.27
C TYR A 220 -3.20 -20.98 17.51
N ALA A 221 -2.96 -19.76 17.06
CA ALA A 221 -3.98 -19.01 16.34
C ALA A 221 -3.41 -18.12 15.27
N CYS A 222 -4.23 -17.82 14.24
CA CYS A 222 -3.89 -16.84 13.22
C CYS A 222 -4.14 -15.42 13.84
N TRP A 223 -3.94 -14.34 13.05
CA TRP A 223 -4.18 -12.98 13.54
C TRP A 223 -5.67 -12.73 13.82
N HIS A 224 -6.59 -13.46 13.12
CA HIS A 224 -8.04 -13.27 13.32
C HIS A 224 -8.59 -13.90 14.63
N HIS A 225 -7.93 -14.95 15.16
CA HIS A 225 -8.44 -15.72 16.31
C HIS A 225 -7.54 -15.73 17.53
N SER A 226 -6.69 -14.73 17.67
CA SER A 226 -5.68 -14.67 18.72
C SER A 226 -6.00 -13.87 19.97
N ILE A 227 -7.27 -13.56 20.24
CA ILE A 227 -7.63 -12.76 21.43
C ILE A 227 -7.22 -13.48 22.70
N GLY A 228 -6.46 -12.80 23.54
CA GLY A 228 -5.95 -13.41 24.76
C GLY A 228 -4.64 -14.18 24.57
N PHE A 229 -4.11 -14.25 23.33
CA PHE A 229 -2.84 -14.96 23.11
C PHE A 229 -1.67 -14.10 23.59
N ASP A 230 -0.60 -14.74 24.10
CA ASP A 230 0.52 -14.01 24.68
C ASP A 230 1.86 -14.08 23.90
N TYR A 231 2.05 -15.02 22.94
CA TYR A 231 3.34 -15.07 22.21
C TYR A 231 3.18 -14.91 20.71
N VAL A 232 4.16 -14.25 20.06
CA VAL A 232 4.20 -14.14 18.61
C VAL A 232 4.85 -15.45 18.17
N TYR A 233 4.21 -16.18 17.28
CA TYR A 233 4.72 -17.47 16.83
C TYR A 233 5.22 -17.44 15.39
N ASN A 234 6.45 -17.96 15.18
CA ASN A 234 7.13 -18.03 13.88
C ASN A 234 7.11 -16.71 13.12
N PRO A 235 7.57 -15.61 13.75
CA PRO A 235 7.68 -14.35 13.00
C PRO A 235 8.89 -14.39 12.08
N PHE A 236 8.92 -13.49 11.11
CA PHE A 236 10.05 -13.32 10.21
C PHE A 236 10.67 -11.96 10.48
N MET A 237 11.91 -11.78 10.05
CA MET A 237 12.63 -10.53 10.27
C MET A 237 13.69 -10.32 9.22
N ILE A 238 14.08 -9.06 9.04
CA ILE A 238 15.09 -8.62 8.09
C ILE A 238 15.83 -7.44 8.69
N ASP A 239 17.15 -7.47 8.59
CA ASP A 239 17.98 -6.40 9.10
C ASP A 239 18.46 -5.61 7.92
N VAL A 240 17.89 -4.40 7.76
CA VAL A 240 18.19 -3.44 6.71
C VAL A 240 19.68 -3.08 6.70
N GLN A 241 20.27 -2.99 7.88
CA GLN A 241 21.69 -2.71 8.02
C GLN A 241 22.57 -3.71 7.25
N GLN A 242 22.09 -4.91 6.95
CA GLN A 242 22.85 -5.89 6.15
C GLN A 242 22.97 -5.53 4.68
N TRP A 243 22.19 -4.58 4.21
CA TRP A 243 22.12 -4.22 2.80
C TRP A 243 23.28 -3.35 2.30
N GLY A 244 24.09 -2.82 3.20
CA GLY A 244 25.26 -2.03 2.82
C GLY A 244 25.01 -0.56 2.81
N PHE A 245 25.06 0.06 3.98
CA PHE A 245 24.85 1.49 4.11
C PHE A 245 26.01 2.11 4.86
N THR A 246 26.26 3.39 4.61
CA THR A 246 27.29 4.13 5.34
C THR A 246 26.54 5.14 6.19
N GLY A 247 26.85 5.17 7.47
CA GLY A 247 26.20 6.10 8.38
C GLY A 247 25.00 5.50 9.11
N ASN A 248 24.47 6.25 10.06
CA ASN A 248 23.37 5.78 10.89
C ASN A 248 22.01 5.78 10.15
N LEU A 249 20.98 5.26 10.82
CA LEU A 249 19.62 5.19 10.28
C LEU A 249 19.09 6.56 9.81
N GLN A 250 19.16 7.58 10.68
CA GLN A 250 18.65 8.89 10.34
C GLN A 250 19.27 9.49 9.08
N SER A 251 20.62 9.50 8.97
CA SER A 251 21.27 10.08 7.80
C SER A 251 20.89 9.39 6.48
N ASN A 252 20.56 8.10 6.52
CA ASN A 252 20.15 7.38 5.31
C ASN A 252 18.67 7.62 5.00
N HIS A 253 17.82 7.67 6.03
CA HIS A 253 16.39 7.90 5.88
C HIS A 253 16.14 9.32 5.32
N ASP A 254 16.75 10.34 5.97
CA ASP A 254 16.59 11.76 5.63
C ASP A 254 17.07 12.13 4.23
N LEU A 255 17.88 11.28 3.60
CA LEU A 255 18.32 11.54 2.22
C LEU A 255 17.12 11.50 1.25
N TYR A 256 16.08 10.71 1.60
CA TYR A 256 14.92 10.46 0.74
C TYR A 256 13.59 10.88 1.33
N CYS A 257 13.54 11.24 2.62
CA CYS A 257 12.25 11.52 3.25
C CYS A 257 12.31 12.66 4.27
N GLN A 258 11.40 13.63 4.09
CA GLN A 258 11.27 14.79 4.99
C GLN A 258 9.98 14.73 5.84
N VAL A 259 9.21 13.65 5.76
CA VAL A 259 7.95 13.54 6.46
C VAL A 259 8.08 12.87 7.83
N HIS A 260 9.04 11.94 7.98
CA HIS A 260 9.25 11.29 9.27
C HIS A 260 10.37 11.98 10.00
N GLY A 261 10.06 12.57 11.13
CA GLY A 261 11.06 13.25 11.94
C GLY A 261 11.68 12.31 12.94
N ASN A 262 12.40 12.87 13.93
CA ASN A 262 12.99 12.05 14.98
C ASN A 262 12.71 12.61 16.34
N ALA A 263 11.57 12.23 16.96
CA ALA A 263 11.29 12.68 18.32
C ALA A 263 12.24 12.05 19.37
N HIS A 264 13.18 11.17 18.92
CA HIS A 264 14.19 10.43 19.65
C HIS A 264 13.60 9.23 20.43
N VAL A 265 12.40 8.74 20.02
CA VAL A 265 11.78 7.56 20.63
C VAL A 265 11.86 6.34 19.68
N ALA A 266 11.77 5.14 20.26
CA ALA A 266 11.85 3.88 19.55
C ALA A 266 10.88 3.74 18.35
N SER A 267 9.65 4.29 18.44
CA SER A 267 8.70 4.19 17.32
C SER A 267 9.13 5.05 16.13
N CYS A 268 9.81 6.20 16.39
CA CYS A 268 10.33 7.04 15.30
C CYS A 268 11.39 6.28 14.48
N ASP A 269 12.27 5.53 15.17
CA ASP A 269 13.29 4.74 14.50
C ASP A 269 12.63 3.60 13.72
N ALA A 270 11.61 2.93 14.33
CA ALA A 270 10.85 1.83 13.73
C ALA A 270 10.18 2.29 12.42
N ILE A 271 9.62 3.51 12.44
CA ILE A 271 8.97 4.14 11.30
C ILE A 271 10.02 4.48 10.21
N MET A 272 11.13 5.16 10.58
CA MET A 272 12.20 5.49 9.64
C MET A 272 12.78 4.23 8.98
N THR A 273 12.92 3.14 9.75
CA THR A 273 13.49 1.87 9.29
C THR A 273 12.61 1.27 8.20
N ARG A 274 11.30 1.11 8.48
CA ARG A 274 10.37 0.59 7.48
C ARG A 274 10.31 1.54 6.26
N CYS A 275 10.32 2.88 6.49
CA CYS A 275 10.31 3.87 5.42
C CYS A 275 11.53 3.69 4.48
N LEU A 276 12.76 3.57 5.05
CA LEU A 276 13.97 3.39 4.27
C LEU A 276 13.93 2.06 3.48
N ALA A 277 13.40 1.01 4.10
CA ALA A 277 13.26 -0.28 3.44
C ALA A 277 12.28 -0.18 2.23
N VAL A 278 11.15 0.56 2.39
CA VAL A 278 10.17 0.80 1.31
C VAL A 278 10.85 1.63 0.20
N HIS A 279 11.64 2.65 0.57
CA HIS A 279 12.38 3.44 -0.41
C HIS A 279 13.32 2.55 -1.26
N GLU A 280 14.07 1.64 -0.61
CA GLU A 280 15.02 0.77 -1.30
C GLU A 280 14.38 -0.29 -2.17
N CYS A 281 13.23 -0.81 -1.74
CA CYS A 281 12.60 -1.93 -2.43
C CYS A 281 11.49 -1.55 -3.39
N PHE A 282 10.94 -0.33 -3.26
CA PHE A 282 9.80 0.09 -4.08
C PHE A 282 9.96 1.42 -4.77
N VAL A 283 10.91 2.25 -4.31
CA VAL A 283 11.12 3.55 -4.93
C VAL A 283 12.29 3.50 -5.93
N LYS A 284 13.54 3.30 -5.46
CA LYS A 284 14.69 3.23 -6.35
C LYS A 284 14.81 1.89 -7.12
N ARG A 285 14.13 0.86 -6.63
CA ARG A 285 14.07 -0.45 -7.26
C ARG A 285 12.58 -0.73 -7.47
N VAL A 286 12.16 -1.08 -8.68
CA VAL A 286 10.75 -1.36 -8.96
C VAL A 286 10.61 -2.72 -9.62
N ASP A 287 9.70 -3.56 -9.13
CA ASP A 287 9.43 -4.84 -9.73
C ASP A 287 7.94 -5.03 -9.89
N TRP A 288 7.41 -4.69 -11.08
CA TRP A 288 5.97 -4.84 -11.32
C TRP A 288 5.56 -6.27 -11.73
N THR A 289 6.51 -7.23 -11.75
CA THR A 289 6.19 -8.62 -12.08
C THR A 289 5.68 -9.41 -10.87
N ILE A 290 6.07 -8.99 -9.64
CA ILE A 290 5.63 -9.67 -8.44
C ILE A 290 4.15 -9.50 -8.27
N GLU A 291 3.46 -10.62 -8.13
CA GLU A 291 2.03 -10.70 -7.90
C GLU A 291 1.78 -10.75 -6.39
N TYR A 292 0.69 -10.14 -5.94
CA TYR A 292 0.33 -10.15 -4.53
C TYR A 292 -1.08 -10.74 -4.40
N PRO A 293 -1.34 -11.52 -3.34
CA PRO A 293 -2.65 -12.14 -3.19
C PRO A 293 -3.84 -11.18 -3.09
N ILE A 294 -5.06 -11.68 -3.38
CA ILE A 294 -6.27 -10.87 -3.24
C ILE A 294 -6.68 -10.89 -1.76
N ILE A 295 -6.68 -9.72 -1.12
CA ILE A 295 -7.05 -9.64 0.30
C ILE A 295 -8.33 -8.80 0.55
N GLY A 296 -8.87 -8.17 -0.49
CA GLY A 296 -10.04 -7.33 -0.35
C GLY A 296 -10.85 -7.17 -1.62
N ASP A 297 -11.18 -5.91 -1.95
CA ASP A 297 -12.02 -5.57 -3.09
C ASP A 297 -11.27 -5.29 -4.38
N GLU A 298 -10.03 -5.84 -4.52
CA GLU A 298 -9.20 -5.63 -5.72
C GLU A 298 -9.94 -5.78 -7.04
N LEU A 299 -10.59 -6.92 -7.27
CA LEU A 299 -11.26 -7.16 -8.54
C LEU A 299 -12.35 -6.15 -8.86
N LYS A 300 -13.19 -5.80 -7.87
CA LYS A 300 -14.28 -4.86 -8.04
C LYS A 300 -13.75 -3.45 -8.28
N ILE A 301 -12.67 -3.07 -7.57
CA ILE A 301 -12.07 -1.75 -7.72
C ILE A 301 -11.49 -1.59 -9.13
N ASN A 302 -10.82 -2.62 -9.62
CA ASN A 302 -10.21 -2.55 -10.95
C ASN A 302 -11.29 -2.51 -12.04
N ALA A 303 -12.39 -3.25 -11.86
CA ALA A 303 -13.52 -3.28 -12.78
C ALA A 303 -14.23 -1.93 -12.78
N ALA A 304 -14.40 -1.32 -11.59
CA ALA A 304 -15.00 -0.02 -11.45
C ALA A 304 -14.16 1.03 -12.16
N CYS A 305 -12.84 0.97 -12.01
CA CYS A 305 -11.91 1.90 -12.64
C CYS A 305 -12.07 1.90 -14.17
N ARG A 306 -12.19 0.70 -14.77
CA ARG A 306 -12.39 0.56 -16.21
C ARG A 306 -13.79 1.09 -16.64
N LYS A 307 -14.82 0.92 -15.78
CA LYS A 307 -16.16 1.39 -16.14
C LYS A 307 -16.22 2.90 -16.08
N VAL A 308 -15.63 3.50 -15.03
CA VAL A 308 -15.62 4.93 -14.85
C VAL A 308 -14.81 5.60 -15.94
N GLN A 309 -13.66 5.03 -16.30
CA GLN A 309 -12.82 5.60 -17.37
C GLN A 309 -13.56 5.67 -18.69
N HIS A 310 -14.16 4.56 -19.13
CA HIS A 310 -14.93 4.52 -20.37
C HIS A 310 -16.09 5.56 -20.33
N MET A 311 -16.81 5.65 -19.19
CA MET A 311 -17.93 6.57 -19.01
C MET A 311 -17.51 8.05 -19.14
N VAL A 312 -16.48 8.44 -18.39
CA VAL A 312 -16.03 9.82 -18.35
C VAL A 312 -15.43 10.31 -19.67
N VAL A 313 -14.60 9.48 -20.29
CA VAL A 313 -13.94 9.82 -21.54
C VAL A 313 -14.94 9.85 -22.69
N LYS A 314 -15.86 8.89 -22.72
CA LYS A 314 -16.91 8.85 -23.74
C LYS A 314 -17.79 10.12 -23.68
N ALA A 315 -18.10 10.59 -22.46
CA ALA A 315 -18.95 11.75 -22.29
C ALA A 315 -18.22 13.02 -22.61
N ALA A 316 -16.93 13.11 -22.28
CA ALA A 316 -16.14 14.31 -22.62
C ALA A 316 -16.07 14.46 -24.16
N LEU A 317 -15.84 13.35 -24.86
CA LEU A 317 -15.79 13.36 -26.31
C LEU A 317 -17.13 13.78 -26.91
N LEU A 318 -18.26 13.30 -26.37
CA LEU A 318 -19.58 13.67 -26.88
C LEU A 318 -19.95 15.12 -26.58
N ALA A 319 -19.68 15.60 -25.35
CA ALA A 319 -20.02 16.97 -24.93
C ALA A 319 -19.17 18.05 -25.57
N ASP A 320 -17.86 17.78 -25.80
CA ASP A 320 -17.00 18.81 -26.36
C ASP A 320 -16.39 18.50 -27.71
N LYS A 321 -16.69 17.34 -28.29
CA LYS A 321 -16.25 16.93 -29.63
C LYS A 321 -14.78 17.23 -29.96
N PHE A 322 -13.83 16.87 -29.08
CA PHE A 322 -12.40 17.10 -29.34
C PHE A 322 -11.96 16.33 -30.58
N PRO A 323 -11.19 16.95 -31.49
CA PRO A 323 -10.71 16.20 -32.67
C PRO A 323 -9.57 15.22 -32.38
N VAL A 324 -8.84 15.43 -31.27
CA VAL A 324 -7.70 14.58 -30.89
C VAL A 324 -7.65 14.37 -29.37
N LEU A 325 -7.29 13.16 -28.93
CA LEU A 325 -7.09 12.81 -27.53
C LEU A 325 -5.62 12.32 -27.37
N HIS A 326 -4.89 12.91 -26.43
CA HIS A 326 -3.52 12.56 -26.10
C HIS A 326 -3.59 11.72 -24.84
N ASP A 327 -3.35 10.40 -24.95
CA ASP A 327 -3.43 9.44 -23.85
C ASP A 327 -2.02 9.26 -23.27
N ILE A 328 -1.78 9.91 -22.13
CA ILE A 328 -0.46 9.88 -21.48
C ILE A 328 -0.46 9.00 -20.25
N GLY A 329 0.32 7.93 -20.30
CA GLY A 329 0.39 7.01 -19.17
C GLY A 329 0.88 5.64 -19.57
N ASN A 330 0.33 4.61 -18.94
CA ASN A 330 0.74 3.22 -19.17
C ASN A 330 1.09 2.84 -20.59
N PRO A 331 2.35 2.46 -20.89
CA PRO A 331 2.69 2.05 -22.27
C PRO A 331 1.87 0.86 -22.79
N LYS A 332 1.18 0.13 -21.90
CA LYS A 332 0.33 -0.97 -22.33
C LYS A 332 -1.15 -0.60 -22.46
N ALA A 333 -1.49 0.71 -22.38
CA ALA A 333 -2.89 1.17 -22.47
C ALA A 333 -3.56 0.85 -23.79
N ILE A 334 -4.85 0.60 -23.70
CA ILE A 334 -5.76 0.29 -24.80
C ILE A 334 -6.79 1.45 -24.87
N LYS A 335 -7.36 1.76 -26.06
CA LYS A 335 -8.40 2.80 -26.20
C LYS A 335 -9.59 2.47 -25.28
N CYS A 336 -9.87 3.32 -24.28
CA CYS A 336 -10.97 3.06 -23.35
C CYS A 336 -12.36 3.26 -23.97
N VAL A 337 -12.46 4.04 -25.06
CA VAL A 337 -13.70 4.26 -25.82
C VAL A 337 -13.39 3.90 -27.29
N PRO A 338 -13.31 2.59 -27.62
CA PRO A 338 -12.90 2.21 -28.99
C PRO A 338 -13.79 2.70 -30.14
N GLN A 339 -15.10 2.92 -29.91
CA GLN A 339 -15.98 3.36 -30.98
C GLN A 339 -15.92 4.88 -31.23
N ALA A 340 -15.28 5.67 -30.35
CA ALA A 340 -15.20 7.13 -30.54
C ALA A 340 -14.57 7.55 -31.86
N ASP A 341 -15.05 8.66 -32.42
CA ASP A 341 -14.58 9.16 -33.71
C ASP A 341 -13.14 9.67 -33.70
N VAL A 342 -12.74 10.27 -32.57
CA VAL A 342 -11.50 10.94 -32.26
C VAL A 342 -10.16 10.26 -32.71
N GLU A 343 -9.17 11.11 -32.99
CA GLU A 343 -7.82 10.70 -33.30
C GLU A 343 -7.14 10.36 -31.96
N TRP A 344 -6.94 9.08 -31.70
CA TRP A 344 -6.33 8.61 -30.45
C TRP A 344 -4.80 8.43 -30.57
N LYS A 345 -4.03 9.25 -29.83
CA LYS A 345 -2.57 9.21 -29.82
C LYS A 345 -2.04 8.85 -28.42
N PHE A 346 -1.21 7.81 -28.33
CA PHE A 346 -0.61 7.33 -27.06
C PHE A 346 0.81 7.85 -26.83
N TYR A 347 1.15 8.08 -25.55
CA TYR A 347 2.43 8.55 -25.07
C TYR A 347 2.75 7.69 -23.85
N ASP A 348 3.90 7.03 -23.87
CA ASP A 348 4.35 6.09 -22.85
C ASP A 348 5.00 6.74 -21.65
N ALA A 349 4.48 6.42 -20.49
CA ALA A 349 5.02 6.88 -19.24
C ALA A 349 4.66 5.82 -18.24
N GLN A 350 5.65 5.18 -17.66
CA GLN A 350 5.45 4.16 -16.64
C GLN A 350 4.99 4.83 -15.32
N PRO A 351 4.41 4.07 -14.36
CA PRO A 351 4.03 4.69 -13.09
C PRO A 351 5.23 5.27 -12.38
N CYS A 352 5.19 6.56 -12.02
CA CYS A 352 6.31 7.18 -11.32
C CYS A 352 6.24 6.75 -9.87
N SER A 353 7.33 6.19 -9.34
CA SER A 353 7.36 5.71 -7.97
C SER A 353 8.02 6.70 -6.99
N ASP A 354 8.88 7.59 -7.50
CA ASP A 354 9.59 8.54 -6.66
C ASP A 354 8.81 9.89 -6.58
N LYS A 355 9.12 10.84 -7.47
CA LYS A 355 8.41 12.11 -7.51
C LYS A 355 7.48 12.11 -8.72
N ALA A 356 6.42 12.95 -8.67
CA ALA A 356 5.49 13.06 -9.80
C ALA A 356 6.23 13.62 -11.01
N TYR A 357 5.85 13.19 -12.22
CA TYR A 357 6.46 13.69 -13.46
C TYR A 357 6.29 15.19 -13.58
N LYS A 358 7.31 15.88 -14.09
CA LYS A 358 7.18 17.29 -14.38
C LYS A 358 6.52 17.36 -15.76
N ILE A 359 5.42 18.13 -15.88
CA ILE A 359 4.71 18.29 -17.15
C ILE A 359 5.66 18.80 -18.28
N GLU A 360 6.64 19.62 -17.90
CA GLU A 360 7.63 20.18 -18.82
C GLU A 360 8.47 19.04 -19.46
N GLU A 361 8.80 17.97 -18.71
CA GLU A 361 9.57 16.87 -19.29
C GLU A 361 8.69 15.95 -20.13
N LEU A 362 7.43 15.71 -19.73
CA LEU A 362 6.53 14.86 -20.51
C LEU A 362 6.17 15.49 -21.85
N PHE A 363 5.93 16.80 -21.87
CA PHE A 363 5.48 17.51 -23.07
C PHE A 363 6.52 18.23 -23.88
N TYR A 364 7.55 18.78 -23.21
CA TYR A 364 8.54 19.58 -23.93
C TYR A 364 9.82 18.80 -24.26
N SER A 365 10.78 19.45 -24.93
CA SER A 365 12.01 18.86 -25.45
C SER A 365 11.70 18.10 -26.76
N TYR A 366 10.77 18.68 -27.58
CA TYR A 366 10.28 18.21 -28.87
C TYR A 366 9.78 16.77 -28.86
N HIS A 369 4.55 12.38 -32.10
CA HIS A 369 3.70 13.23 -31.26
C HIS A 369 2.99 14.25 -32.09
N SER A 370 1.76 14.61 -31.68
CA SER A 370 1.07 15.72 -32.32
C SER A 370 1.84 17.05 -32.02
N ASP A 371 2.66 17.06 -30.91
CA ASP A 371 3.48 18.14 -30.38
C ASP A 371 2.60 19.20 -29.72
N LYS A 372 1.46 19.52 -30.35
CA LYS A 372 0.50 20.46 -29.82
C LYS A 372 -0.44 19.74 -28.85
N PHE A 373 0.03 19.51 -27.60
CA PHE A 373 -0.79 18.91 -26.55
C PHE A 373 -1.98 19.82 -26.17
N THR A 374 -1.91 21.11 -26.54
CA THR A 374 -2.95 22.12 -26.39
C THR A 374 -4.17 21.85 -27.31
N ASP A 375 -3.99 21.05 -28.37
CA ASP A 375 -5.10 20.67 -29.25
C ASP A 375 -5.85 19.53 -28.60
N GLY A 376 -7.17 19.57 -28.68
CA GLY A 376 -8.03 18.52 -28.15
C GLY A 376 -7.95 18.36 -26.64
N VAL A 377 -7.88 17.11 -26.19
CA VAL A 377 -7.87 16.83 -24.77
C VAL A 377 -6.77 15.84 -24.37
N CYS A 378 -6.27 15.99 -23.14
CA CYS A 378 -5.24 15.14 -22.57
C CYS A 378 -5.87 14.21 -21.54
N LEU A 379 -5.57 12.91 -21.62
CA LEU A 379 -6.10 11.93 -20.70
C LEU A 379 -4.95 11.40 -19.85
N PHE A 380 -4.99 11.69 -18.55
CA PHE A 380 -3.98 11.23 -17.59
C PHE A 380 -4.67 10.28 -16.62
N TRP A 381 -4.78 8.99 -16.99
CA TRP A 381 -5.44 8.01 -16.15
C TRP A 381 -4.42 7.28 -15.28
N ASN A 382 -4.31 7.76 -14.03
CA ASN A 382 -3.31 7.32 -13.06
C ASN A 382 -1.90 7.68 -13.50
N CYS A 383 -1.72 8.81 -14.23
CA CYS A 383 -0.40 9.25 -14.63
C CYS A 383 -0.13 10.50 -13.79
N ASN A 384 0.63 10.35 -12.72
CA ASN A 384 0.86 11.40 -11.73
C ASN A 384 1.80 12.49 -12.19
N VAL A 385 1.27 13.69 -12.46
CA VAL A 385 2.11 14.80 -12.91
C VAL A 385 2.05 15.98 -11.88
N ASP A 386 3.04 16.87 -11.92
CA ASP A 386 3.12 17.99 -10.99
C ASP A 386 1.99 19.04 -11.19
N ARG A 387 1.61 19.30 -12.44
CA ARG A 387 0.58 20.29 -12.73
C ARG A 387 -0.06 19.92 -14.05
N TYR A 388 -1.33 19.57 -14.00
CA TYR A 388 -2.04 19.17 -15.20
C TYR A 388 -2.39 20.36 -16.08
N PRO A 389 -2.31 20.15 -17.40
CA PRO A 389 -2.77 21.22 -18.31
C PRO A 389 -4.30 21.39 -18.18
N ALA A 390 -4.80 22.61 -18.49
CA ALA A 390 -6.23 22.92 -18.42
C ALA A 390 -7.11 21.99 -19.23
N ASN A 391 -6.69 21.54 -20.43
CA ASN A 391 -7.51 20.65 -21.28
C ASN A 391 -7.34 19.17 -20.91
N SER A 392 -7.55 18.82 -19.62
CA SER A 392 -7.32 17.44 -19.18
C SER A 392 -8.50 16.72 -18.59
N ILE A 393 -8.43 15.37 -18.59
CA ILE A 393 -9.32 14.40 -17.94
C ILE A 393 -8.31 13.63 -17.07
N VAL A 394 -8.50 13.68 -15.75
CA VAL A 394 -7.55 13.09 -14.83
C VAL A 394 -8.12 12.15 -13.78
N CYS A 395 -7.49 11.00 -13.61
CA CYS A 395 -7.72 10.12 -12.48
C CYS A 395 -6.40 10.09 -11.67
N ARG A 396 -6.44 10.50 -10.39
CA ARG A 396 -5.26 10.56 -9.57
C ARG A 396 -5.51 9.90 -8.22
N PHE A 397 -4.68 8.92 -7.86
CA PHE A 397 -4.82 8.23 -6.58
C PHE A 397 -4.43 9.16 -5.40
N ASP A 398 -5.31 9.25 -4.39
CA ASP A 398 -5.06 10.06 -3.20
C ASP A 398 -4.35 9.16 -2.19
N THR A 399 -3.05 9.38 -2.02
CA THR A 399 -2.18 8.61 -1.12
C THR A 399 -2.61 8.68 0.36
N ARG A 400 -3.40 9.70 0.74
CA ARG A 400 -3.84 9.83 2.13
C ARG A 400 -4.90 8.83 2.55
N VAL A 401 -5.52 8.13 1.59
CA VAL A 401 -6.62 7.22 1.85
C VAL A 401 -6.26 6.04 2.75
N LEU A 402 -7.14 5.78 3.75
CA LEU A 402 -7.00 4.62 4.63
C LEU A 402 -7.68 3.40 4.02
N SER A 403 -6.90 2.34 3.74
CA SER A 403 -7.41 1.07 3.23
C SER A 403 -6.40 -0.05 3.41
N ASN A 404 -6.87 -1.30 3.35
CA ASN A 404 -6.01 -2.50 3.43
C ASN A 404 -5.10 -2.65 2.21
N LEU A 405 -5.39 -1.93 1.10
CA LEU A 405 -4.59 -1.95 -0.11
C LEU A 405 -3.49 -0.89 -0.10
N ASN A 406 -3.67 0.19 0.65
CA ASN A 406 -2.75 1.31 0.70
C ASN A 406 -1.92 1.29 1.99
N LEU A 407 -0.62 1.04 1.86
CA LEU A 407 0.28 0.99 2.99
C LEU A 407 1.05 2.31 3.08
N PRO A 408 1.47 2.71 4.30
CA PRO A 408 2.26 3.95 4.42
C PRO A 408 3.56 3.85 3.60
N GLY A 409 3.94 4.95 2.96
CA GLY A 409 5.08 4.96 2.09
C GLY A 409 6.18 5.95 2.48
N CYS A 410 6.97 6.33 1.49
N CYS A 410 6.96 6.38 1.49
CA CYS A 410 8.15 7.19 1.67
CA CYS A 410 8.07 7.28 1.73
C CYS A 410 7.92 8.64 1.20
C CYS A 410 7.80 8.68 1.27
N ASP A 411 8.29 9.64 2.05
CA ASP A 411 8.19 11.07 1.73
C ASP A 411 6.75 11.58 1.40
N GLY A 412 5.77 11.14 2.19
CA GLY A 412 4.38 11.49 1.96
C GLY A 412 3.66 10.54 1.00
N GLY A 413 4.42 9.83 0.18
CA GLY A 413 3.87 8.86 -0.76
C GLY A 413 3.32 7.64 -0.06
N SER A 414 2.62 6.79 -0.79
CA SER A 414 2.02 5.60 -0.22
C SER A 414 2.30 4.41 -1.13
N LEU A 415 2.30 3.21 -0.56
CA LEU A 415 2.55 2.00 -1.32
C LEU A 415 1.23 1.35 -1.65
N TYR A 416 0.77 1.44 -2.90
CA TYR A 416 -0.53 0.90 -3.29
C TYR A 416 -0.39 -0.52 -3.80
N VAL A 417 -0.96 -1.50 -3.07
CA VAL A 417 -0.79 -2.90 -3.43
C VAL A 417 -2.10 -3.55 -3.85
N ASN A 418 -2.27 -3.73 -5.15
CA ASN A 418 -3.47 -4.30 -5.74
C ASN A 418 -2.93 -5.07 -6.94
N LYS A 419 -2.73 -6.39 -6.76
CA LYS A 419 -2.14 -7.32 -7.70
C LYS A 419 -0.63 -7.06 -7.81
N HIS A 420 -0.24 -5.81 -7.97
CA HIS A 420 1.15 -5.41 -8.02
C HIS A 420 1.38 -4.28 -7.01
N ALA A 421 2.64 -4.04 -6.64
CA ALA A 421 2.97 -2.98 -5.69
C ALA A 421 3.38 -1.73 -6.45
N PHE A 422 2.76 -0.61 -6.14
CA PHE A 422 3.06 0.65 -6.80
C PHE A 422 3.25 1.73 -5.79
N HIS A 423 4.51 2.13 -5.56
CA HIS A 423 4.78 3.27 -4.68
C HIS A 423 4.32 4.51 -5.44
N THR A 424 3.47 5.34 -4.82
CA THR A 424 2.85 6.50 -5.45
C THR A 424 3.29 7.76 -4.75
N PRO A 425 3.69 8.80 -5.52
CA PRO A 425 4.08 10.07 -4.89
C PRO A 425 2.96 10.78 -4.16
N ALA A 426 3.30 11.56 -3.13
CA ALA A 426 2.34 12.29 -2.33
C ALA A 426 1.26 13.02 -3.13
N PHE A 427 -0.01 12.85 -2.69
CA PHE A 427 -1.15 13.56 -3.28
C PHE A 427 -0.93 15.07 -3.01
N ASP A 428 -1.10 15.87 -4.04
CA ASP A 428 -0.85 17.28 -3.93
C ASP A 428 -1.97 18.02 -4.66
N LYS A 429 -2.82 18.72 -3.90
CA LYS A 429 -3.98 19.47 -4.41
C LYS A 429 -3.62 20.56 -5.41
N SER A 430 -2.39 21.08 -5.37
CA SER A 430 -1.97 22.12 -6.31
C SER A 430 -1.77 21.60 -7.74
N ALA A 431 -1.67 20.26 -7.93
CA ALA A 431 -1.56 19.68 -9.27
C ALA A 431 -2.81 19.94 -10.12
N PHE A 432 -3.95 20.13 -9.46
CA PHE A 432 -5.24 20.30 -10.08
C PHE A 432 -5.74 21.75 -10.19
N VAL A 433 -4.88 22.79 -10.10
CA VAL A 433 -5.32 24.18 -10.16
C VAL A 433 -5.99 24.59 -11.49
N ASN A 434 -5.61 23.99 -12.61
CA ASN A 434 -6.26 24.31 -13.89
C ASN A 434 -7.55 23.51 -14.14
N LEU A 435 -7.89 22.58 -13.26
CA LEU A 435 -9.05 21.71 -13.43
C LEU A 435 -10.09 21.90 -12.32
N LYS A 436 -11.20 21.15 -12.40
CA LYS A 436 -12.19 21.14 -11.35
C LYS A 436 -12.51 19.67 -11.03
N GLN A 437 -13.14 19.43 -9.88
CA GLN A 437 -13.56 18.08 -9.52
C GLN A 437 -14.63 17.59 -10.51
N LEU A 438 -14.48 16.35 -10.97
CA LEU A 438 -15.46 15.79 -11.90
C LEU A 438 -16.67 15.38 -11.06
N PRO A 439 -17.85 15.93 -11.39
CA PRO A 439 -19.06 15.53 -10.64
C PRO A 439 -19.57 14.16 -11.10
N PHE A 440 -20.27 13.45 -10.19
CA PHE A 440 -20.87 12.17 -10.57
C PHE A 440 -21.98 12.40 -11.62
N PHE A 441 -22.04 11.51 -12.59
CA PHE A 441 -23.09 11.46 -13.59
C PHE A 441 -23.05 10.06 -14.20
N TYR A 442 -24.16 9.63 -14.73
CA TYR A 442 -24.24 8.36 -15.46
C TYR A 442 -24.77 8.75 -16.84
N TYR A 443 -24.11 8.35 -17.92
CA TYR A 443 -24.60 8.65 -19.27
C TYR A 443 -24.81 7.32 -20.01
N SER A 444 -25.86 7.23 -20.80
CA SER A 444 -26.11 6.07 -21.64
C SER A 444 -26.99 6.41 -22.82
N ASP A 445 -26.54 6.00 -23.99
CA ASP A 445 -27.27 6.10 -25.25
C ASP A 445 -27.77 4.72 -25.71
N SER A 446 -27.73 3.69 -24.86
CA SER A 446 -28.20 2.36 -25.22
C SER A 446 -29.74 2.35 -25.26
N PRO A 447 -30.37 1.40 -25.99
CA PRO A 447 -31.83 1.38 -26.04
C PRO A 447 -32.47 1.08 -24.68
N CYS A 448 -33.65 1.67 -24.44
CA CYS A 448 -34.39 1.44 -23.20
C CYS A 448 -35.08 0.09 -23.38
N GLU A 449 -34.46 -0.98 -22.90
CA GLU A 449 -34.96 -2.34 -23.05
C GLU A 449 -34.47 -3.21 -21.88
N SER A 450 -35.43 -3.75 -21.10
CA SER A 450 -35.19 -4.55 -19.89
C SER A 450 -34.32 -5.80 -20.08
N HIS A 451 -34.80 -6.82 -20.84
CA HIS A 451 -34.09 -8.08 -21.10
C HIS A 451 -33.76 -8.89 -19.83
N GLY A 452 -34.38 -10.06 -19.71
CA GLY A 452 -34.18 -10.96 -18.57
C GLY A 452 -35.21 -10.78 -17.48
N ILE A 459 -33.90 -9.26 -9.26
CA ILE A 459 -33.64 -7.82 -9.28
C ILE A 459 -34.96 -7.05 -9.18
N ASP A 460 -35.44 -6.78 -7.95
CA ASP A 460 -36.72 -6.07 -7.79
C ASP A 460 -36.56 -4.53 -7.87
N TYR A 461 -37.68 -3.83 -8.18
CA TYR A 461 -37.72 -2.41 -8.49
C TYR A 461 -38.48 -1.44 -7.54
N VAL A 462 -37.98 -0.20 -7.53
CA VAL A 462 -38.47 1.04 -6.93
C VAL A 462 -38.06 2.06 -8.01
N PRO A 463 -39.01 2.79 -8.63
CA PRO A 463 -38.64 3.70 -9.73
C PRO A 463 -37.56 4.74 -9.39
N LEU A 464 -36.57 4.90 -10.30
CA LEU A 464 -35.47 5.83 -10.05
C LEU A 464 -35.80 7.26 -10.44
N LYS A 465 -35.50 8.20 -9.55
CA LYS A 465 -35.62 9.62 -9.82
C LYS A 465 -34.24 10.22 -9.56
N SER A 466 -33.61 10.79 -10.61
CA SER A 466 -32.28 11.39 -10.46
C SER A 466 -32.01 12.36 -11.58
N ALA A 467 -31.50 13.54 -11.21
CA ALA A 467 -31.09 14.54 -12.20
C ALA A 467 -29.77 14.14 -12.91
N THR A 468 -29.02 13.15 -12.40
CA THR A 468 -27.74 12.76 -13.01
C THR A 468 -27.83 11.49 -13.85
N CYS A 469 -29.04 10.99 -14.14
CA CYS A 469 -29.19 9.81 -14.99
C CYS A 469 -29.39 10.37 -16.39
N ILE A 470 -28.31 10.64 -17.13
CA ILE A 470 -28.42 11.24 -18.46
C ILE A 470 -28.76 10.19 -19.53
N THR A 471 -30.07 9.96 -19.70
CA THR A 471 -30.60 8.97 -20.64
C THR A 471 -31.82 9.52 -21.40
N ARG A 472 -32.14 8.91 -22.56
CA ARG A 472 -33.30 9.25 -23.39
C ARG A 472 -34.59 9.18 -22.60
N CYS A 473 -34.70 8.16 -21.71
CA CYS A 473 -35.88 7.94 -20.88
C CYS A 473 -36.05 9.02 -19.85
N ASN A 474 -34.96 9.49 -19.25
CA ASN A 474 -35.03 10.58 -18.26
C ASN A 474 -35.33 11.91 -18.93
N LEU A 475 -34.83 12.11 -20.16
CA LEU A 475 -35.13 13.29 -20.95
C LEU A 475 -36.67 13.32 -21.23
N GLY A 476 -37.22 12.15 -21.54
CA GLY A 476 -38.65 11.98 -21.78
C GLY A 476 -39.50 11.83 -20.53
N GLY A 477 -38.97 12.23 -19.38
CA GLY A 477 -39.72 12.24 -18.13
C GLY A 477 -39.73 11.04 -17.20
N ALA A 478 -39.38 9.82 -17.65
CA ALA A 478 -39.44 8.64 -16.79
C ALA A 478 -38.33 7.57 -17.05
N VAL A 479 -37.41 7.38 -16.10
CA VAL A 479 -36.32 6.42 -16.21
C VAL A 479 -36.83 4.96 -16.34
N CYS A 480 -36.48 4.30 -17.46
CA CYS A 480 -36.84 2.92 -17.70
C CYS A 480 -36.11 1.99 -16.71
N ARG A 481 -36.62 0.76 -16.51
CA ARG A 481 -36.02 -0.21 -15.58
C ARG A 481 -34.55 -0.53 -15.89
N HIS A 482 -34.23 -0.77 -17.17
CA HIS A 482 -32.88 -1.09 -17.59
C HIS A 482 -31.89 0.03 -17.21
N HIS A 483 -32.20 1.29 -17.57
CA HIS A 483 -31.29 2.39 -17.27
C HIS A 483 -31.23 2.68 -15.75
N ALA A 484 -32.27 2.31 -14.97
CA ALA A 484 -32.26 2.47 -13.53
C ALA A 484 -31.33 1.42 -12.92
N ASN A 485 -31.39 0.16 -13.42
CA ASN A 485 -30.52 -0.94 -12.96
C ASN A 485 -29.06 -0.60 -13.28
N GLU A 486 -28.80 -0.13 -14.53
CA GLU A 486 -27.47 0.26 -14.97
C GLU A 486 -26.96 1.48 -14.24
N TYR A 487 -27.84 2.39 -13.83
CA TYR A 487 -27.46 3.61 -13.11
C TYR A 487 -27.00 3.22 -11.72
N ARG A 488 -27.79 2.38 -11.02
CA ARG A 488 -27.44 1.98 -9.66
C ARG A 488 -26.18 1.12 -9.63
N LEU A 489 -25.94 0.31 -10.67
CA LEU A 489 -24.72 -0.49 -10.78
C LEU A 489 -23.52 0.42 -10.96
N TYR A 490 -23.64 1.45 -11.84
CA TYR A 490 -22.59 2.42 -12.07
C TYR A 490 -22.33 3.27 -10.85
N LEU A 491 -23.38 3.66 -10.12
CA LEU A 491 -23.19 4.46 -8.90
C LEU A 491 -22.39 3.62 -7.85
N ASP A 492 -22.66 2.32 -7.77
CA ASP A 492 -21.95 1.43 -6.86
C ASP A 492 -20.50 1.28 -7.27
N ALA A 493 -20.21 1.13 -8.58
CA ALA A 493 -18.84 1.04 -9.07
C ALA A 493 -18.10 2.36 -8.78
N TYR A 494 -18.72 3.48 -9.11
CA TYR A 494 -18.15 4.79 -8.89
C TYR A 494 -17.78 5.03 -7.41
N ASN A 495 -18.71 4.70 -6.48
CA ASN A 495 -18.48 4.87 -5.05
C ASN A 495 -17.33 3.97 -4.54
N MET A 496 -17.21 2.78 -5.11
CA MET A 496 -16.19 1.82 -4.78
C MET A 496 -14.80 2.42 -5.10
N MET A 497 -14.67 3.02 -6.29
CA MET A 497 -13.47 3.65 -6.80
C MET A 497 -13.04 4.88 -5.98
N ILE A 498 -14.00 5.73 -5.61
CA ILE A 498 -13.71 6.92 -4.84
C ILE A 498 -13.25 6.53 -3.44
N SER A 499 -13.97 5.60 -2.82
CA SER A 499 -13.65 5.13 -1.48
C SER A 499 -12.30 4.37 -1.47
N ALA A 500 -11.90 3.74 -2.59
CA ALA A 500 -10.60 3.10 -2.70
C ALA A 500 -9.42 4.12 -2.76
N GLY A 501 -9.73 5.42 -2.91
CA GLY A 501 -8.73 6.48 -2.91
C GLY A 501 -8.60 7.27 -4.19
N PHE A 502 -9.21 6.81 -5.30
CA PHE A 502 -9.12 7.52 -6.57
C PHE A 502 -9.92 8.82 -6.61
N SER A 503 -9.33 9.88 -7.18
CA SER A 503 -10.02 11.17 -7.32
C SER A 503 -10.07 11.55 -8.80
N LEU A 504 -11.20 12.09 -9.25
CA LEU A 504 -11.45 12.45 -10.65
C LEU A 504 -11.56 13.94 -10.87
N TRP A 505 -10.87 14.42 -11.89
CA TRP A 505 -10.74 15.83 -12.22
C TRP A 505 -10.94 16.03 -13.72
N VAL A 506 -11.44 17.21 -14.11
CA VAL A 506 -11.78 17.46 -15.50
C VAL A 506 -11.60 18.95 -15.85
N TYR A 507 -11.45 19.23 -17.16
CA TYR A 507 -11.35 20.59 -17.65
C TYR A 507 -12.61 21.44 -17.20
N LYS A 508 -12.39 22.72 -16.84
CA LYS A 508 -13.45 23.59 -16.28
C LYS A 508 -14.72 23.76 -17.14
N GLN A 509 -14.62 23.69 -18.46
CA GLN A 509 -15.77 23.83 -19.35
C GLN A 509 -16.66 22.58 -19.40
N PHE A 510 -16.25 21.46 -18.77
CA PHE A 510 -17.05 20.25 -18.80
C PHE A 510 -18.43 20.47 -18.16
N ASP A 511 -19.48 20.18 -18.93
CA ASP A 511 -20.86 20.39 -18.49
C ASP A 511 -21.69 19.25 -19.01
N THR A 512 -22.32 18.50 -18.10
CA THR A 512 -23.18 17.37 -18.51
C THR A 512 -24.46 17.82 -19.24
N TYR A 513 -24.84 19.11 -19.11
CA TYR A 513 -25.99 19.65 -19.83
C TYR A 513 -25.82 19.48 -21.34
N ASN A 514 -24.56 19.47 -21.83
CA ASN A 514 -24.20 19.25 -23.24
C ASN A 514 -24.44 17.82 -23.71
N LEU A 515 -24.70 16.87 -22.78
CA LEU A 515 -24.98 15.49 -23.16
C LEU A 515 -26.45 15.24 -23.59
N TRP A 516 -27.41 16.05 -23.12
CA TRP A 516 -28.83 15.86 -23.47
C TRP A 516 -29.13 15.99 -24.96
N ASN A 517 -28.40 16.87 -25.67
CA ASN A 517 -28.59 17.03 -27.12
C ASN A 517 -27.98 15.88 -27.95
N THR A 518 -27.36 14.88 -27.31
CA THR A 518 -26.94 13.67 -28.03
C THR A 518 -28.18 12.70 -28.20
N PHE A 519 -29.39 13.14 -27.77
CA PHE A 519 -30.68 12.47 -27.89
C PHE A 519 -31.56 13.39 -28.75
N THR A 520 -31.49 13.22 -30.07
CA THR A 520 -32.25 14.05 -31.01
C THR A 520 -33.13 13.21 -31.93
ZN ZN B . 10.35 8.39 6.01
ZN ZN C . -34.00 4.01 -20.61
ZN ZN D . -7.72 -18.62 12.66
P PO4 E . 1.42 -12.15 2.44
O1 PO4 E . 0.06 -12.50 3.11
O2 PO4 E . 1.21 -11.09 1.26
O3 PO4 E . 2.00 -13.51 1.80
O4 PO4 E . 2.42 -11.51 3.51
P PO4 F . -25.57 0.75 -20.58
O1 PO4 F . -27.10 0.84 -20.34
O2 PO4 F . -25.08 2.02 -21.43
O3 PO4 F . -24.80 0.74 -19.17
O4 PO4 F . -25.29 -0.59 -21.41
N1 LPU G . -1.65 3.35 -10.54
C4 LPU G . -1.28 0.87 -12.09
C5 LPU G . -2.43 1.07 -11.11
C6 LPU G . -2.81 2.53 -10.92
C1 LPU G . -1.14 3.22 -7.88
S1 LPU G . -1.71 4.23 -9.18
O1 LPU G . -0.80 5.33 -9.34
O2 LPU G . -3.09 4.53 -8.94
C2 LPU G . -0.34 2.96 -11.09
C3 LPU G . -0.52 2.15 -12.36
O3 LPU G . -1.74 0.29 -13.30
#